data_4WO7
#
_entry.id   4WO7
#
_cell.length_a   69.290
_cell.length_b   87.680
_cell.length_c   234.100
_cell.angle_alpha   90.00
_cell.angle_beta   90.00
_cell.angle_gamma   90.00
#
_symmetry.space_group_name_H-M   'C 2 2 21'
#
loop_
_entity.id
_entity.type
_entity.pdbx_description
1 polymer 'Foldase protein PrsA'
2 water water
#
_entity_poly.entity_id   1
_entity_poly.type   'polypeptide(L)'
_entity_poly.pdbx_seq_one_letter_code
;S(MSE)SSSGDKEVIAKTDAGDVTKGELYTN(MSE)KKTAGASVLTQLVQEKVLDKKYKVSDKEIDNKLKEYKTQLGDQY
TALEKQYGKDYLKEQVKYELLTQKAAKDNIKVTDADIKEYWEGLKGKIRASHILVADKKTAEEVEKKLKKGEKFEDLAKE
YSTDSSASKGGDLGWFAKEGQ(MSE)DETFSKAAFKLKTGEVSDPVKTQYGYHIIKKTEERGKYDD(MSE)KKELKSEVL
EQKLNDNAAVQEAVQKV(MSE)KKADIEVKDKDLKDTFNTSST
;
_entity_poly.pdbx_strand_id   A,B
#
# COMPACT_ATOMS: atom_id res chain seq x y z
N SER A 5 -6.45 -37.73 8.67
CA SER A 5 -7.25 -36.78 9.42
C SER A 5 -7.92 -35.76 8.50
N GLY A 6 -8.53 -34.74 9.08
CA GLY A 6 -9.19 -33.71 8.31
C GLY A 6 -8.19 -32.88 7.53
N ASP A 7 -6.94 -32.90 7.98
CA ASP A 7 -5.85 -32.21 7.31
C ASP A 7 -5.53 -32.82 5.96
N LYS A 8 -6.01 -34.05 5.73
CA LYS A 8 -5.81 -34.73 4.45
C LYS A 8 -6.82 -34.27 3.40
N GLU A 9 -7.80 -33.48 3.84
CA GLU A 9 -8.81 -32.94 2.93
C GLU A 9 -8.14 -32.19 1.79
N VAL A 10 -8.49 -32.58 0.57
CA VAL A 10 -7.91 -31.96 -0.62
C VAL A 10 -8.63 -30.66 -0.91
N ILE A 11 -7.88 -29.56 -0.86
CA ILE A 11 -8.42 -28.24 -1.16
C ILE A 11 -8.49 -28.04 -2.66
N ALA A 12 -7.38 -28.40 -3.32
CA ALA A 12 -7.28 -28.25 -4.76
C ALA A 12 -6.54 -29.43 -5.37
N LYS A 13 -7.08 -29.94 -6.46
CA LYS A 13 -6.47 -31.05 -7.17
C LYS A 13 -5.75 -30.54 -8.41
N THR A 14 -4.51 -31.00 -8.57
CA THR A 14 -3.66 -30.59 -9.68
C THR A 14 -2.85 -31.78 -10.20
N ASP A 15 -2.54 -31.78 -11.49
CA ASP A 15 -1.73 -32.84 -12.10
C ASP A 15 -0.27 -32.80 -11.63
N ALA A 16 0.15 -31.65 -11.12
CA ALA A 16 1.47 -31.47 -10.51
C ALA A 16 1.43 -31.67 -8.99
N GLY A 17 0.34 -32.25 -8.49
CA GLY A 17 0.21 -32.61 -7.07
C GLY A 17 -0.90 -31.85 -6.37
N ASP A 18 -1.46 -32.43 -5.30
CA ASP A 18 -2.59 -31.79 -4.61
C ASP A 18 -2.15 -30.88 -3.46
N VAL A 19 -3.02 -29.93 -3.17
CA VAL A 19 -2.89 -29.05 -2.02
C VAL A 19 -3.89 -29.49 -0.95
N THR A 20 -3.37 -29.86 0.22
CA THR A 20 -4.21 -30.33 1.32
C THR A 20 -4.60 -29.20 2.26
N LYS A 21 -5.60 -29.45 3.09
CA LYS A 21 -6.05 -28.51 4.12
C LYS A 21 -4.91 -28.16 5.06
N GLY A 22 -4.13 -29.17 5.45
CA GLY A 22 -3.00 -28.96 6.34
C GLY A 22 -1.96 -28.03 5.77
N GLU A 23 -1.66 -28.20 4.48
CA GLU A 23 -0.72 -27.33 3.79
C GLU A 23 -1.23 -25.90 3.79
N LEU A 24 -2.53 -25.75 3.49
CA LEU A 24 -3.15 -24.44 3.46
C LEU A 24 -3.09 -23.79 4.84
N TYR A 25 -3.46 -24.55 5.86
CA TYR A 25 -3.43 -24.06 7.22
C TYR A 25 -2.04 -23.61 7.65
N THR A 26 -1.02 -24.44 7.39
CA THR A 26 0.35 -24.13 7.79
C THR A 26 0.88 -22.83 7.17
N ASN A 27 0.67 -22.67 5.87
CA ASN A 27 1.21 -21.52 5.15
C ASN A 27 0.41 -20.26 5.43
N MSE A 28 -0.88 -20.42 5.70
CA MSE A 28 -1.71 -19.30 6.08
C MSE A 28 -1.25 -18.73 7.41
O MSE A 28 -1.29 -17.52 7.63
CB MSE A 28 -3.17 -19.73 6.19
CG MSE A 28 -3.82 -19.88 4.83
SE MSE A 28 -5.76 -20.08 4.90
CE MSE A 28 -5.96 -18.28 4.39
H MSE A 28 -1.30 -21.18 5.65
HA MSE A 28 -1.66 -18.61 5.40
HB2 MSE A 28 -3.22 -20.58 6.63
HB3 MSE A 28 -3.67 -19.07 6.68
HG2 MSE A 28 -3.62 -19.10 4.31
HG3 MSE A 28 -3.46 -20.67 4.40
HE1 MSE A 28 -6.90 -18.06 4.33
HE2 MSE A 28 -5.52 -17.71 5.05
HE3 MSE A 28 -5.53 -18.14 3.52
N LYS A 29 -0.79 -19.62 8.27
CA LYS A 29 -0.45 -19.23 9.63
C LYS A 29 0.83 -18.40 9.68
N LYS A 30 1.78 -18.73 8.80
CA LYS A 30 3.06 -18.04 8.77
C LYS A 30 2.81 -16.64 8.22
N THR A 31 1.80 -16.56 7.36
CA THR A 31 1.45 -15.34 6.63
C THR A 31 0.46 -14.44 7.36
N ALA A 32 -0.67 -15.02 7.77
CA ALA A 32 -1.80 -14.22 8.24
C ALA A 32 -2.22 -14.61 9.66
N GLY A 33 -1.53 -15.59 10.24
CA GLY A 33 -1.89 -16.11 11.54
C GLY A 33 -1.93 -15.05 12.63
N ALA A 34 -0.92 -14.19 12.67
CA ALA A 34 -0.83 -13.18 13.72
C ALA A 34 -1.97 -12.16 13.61
N SER A 35 -2.21 -11.66 12.40
CA SER A 35 -3.22 -10.62 12.23
C SER A 35 -4.62 -11.16 12.49
N VAL A 36 -4.89 -12.38 12.03
CA VAL A 36 -6.24 -12.91 12.20
C VAL A 36 -6.46 -13.33 13.65
N LEU A 37 -5.44 -13.89 14.29
CA LEU A 37 -5.54 -14.20 15.72
C LEU A 37 -5.81 -12.93 16.51
N THR A 38 -5.21 -11.83 16.06
CA THR A 38 -5.37 -10.54 16.73
C THR A 38 -6.82 -10.07 16.64
N GLN A 39 -7.40 -10.19 15.46
CA GLN A 39 -8.77 -9.75 15.23
C GLN A 39 -9.74 -10.61 16.03
N LEU A 40 -9.53 -11.92 15.96
CA LEU A 40 -10.40 -12.88 16.66
C LEU A 40 -10.47 -12.64 18.16
N VAL A 41 -9.30 -12.43 18.74
CA VAL A 41 -9.18 -12.21 20.16
C VAL A 41 -9.77 -10.86 20.56
N GLN A 42 -9.45 -9.82 19.79
CA GLN A 42 -9.99 -8.50 20.07
C GLN A 42 -11.52 -8.41 19.95
N GLU A 43 -12.09 -9.06 18.94
CA GLU A 43 -13.53 -9.01 18.78
C GLU A 43 -14.24 -9.82 19.85
N LYS A 44 -13.57 -10.82 20.40
CA LYS A 44 -14.13 -11.57 21.53
C LYS A 44 -14.10 -10.75 22.81
N VAL A 45 -12.94 -10.19 23.11
CA VAL A 45 -12.77 -9.44 24.34
C VAL A 45 -13.65 -8.21 24.31
N LEU A 46 -13.60 -7.46 23.22
CA LEU A 46 -14.40 -6.24 23.12
C LEU A 46 -15.91 -6.51 23.09
N ASP A 47 -16.34 -7.60 22.47
CA ASP A 47 -17.77 -7.89 22.39
C ASP A 47 -18.35 -8.17 23.76
N LYS A 48 -17.49 -8.65 24.66
CA LYS A 48 -17.90 -8.93 26.02
C LYS A 48 -17.93 -7.66 26.87
N LYS A 49 -17.02 -6.74 26.57
CA LYS A 49 -16.95 -5.48 27.31
C LYS A 49 -17.99 -4.50 26.80
N TYR A 50 -17.85 -4.09 25.54
CA TYR A 50 -18.78 -3.15 24.95
C TYR A 50 -19.87 -3.97 24.30
N LYS A 51 -21.05 -3.40 24.14
CA LYS A 51 -22.14 -4.13 23.53
C LYS A 51 -22.65 -3.40 22.31
N VAL A 52 -22.73 -4.13 21.22
CA VAL A 52 -23.15 -3.60 19.94
C VAL A 52 -24.36 -4.36 19.43
N SER A 53 -25.42 -3.62 19.16
CA SER A 53 -26.67 -4.18 18.67
C SER A 53 -26.74 -4.09 17.16
N ASP A 54 -27.60 -4.92 16.57
CA ASP A 54 -27.81 -4.89 15.13
C ASP A 54 -28.34 -3.51 14.68
N LYS A 55 -28.91 -2.75 15.60
CA LYS A 55 -29.33 -1.39 15.29
C LYS A 55 -28.11 -0.58 14.89
N GLU A 56 -27.08 -0.70 15.72
CA GLU A 56 -25.82 0.00 15.53
C GLU A 56 -25.07 -0.51 14.29
N ILE A 57 -25.09 -1.82 14.09
CA ILE A 57 -24.39 -2.45 12.97
C ILE A 57 -24.89 -1.94 11.63
N ASP A 58 -26.21 -1.96 11.43
CA ASP A 58 -26.80 -1.55 10.17
C ASP A 58 -26.49 -0.10 9.81
N ASN A 59 -26.48 0.78 10.81
CA ASN A 59 -26.17 2.19 10.58
C ASN A 59 -24.79 2.46 9.94
N LYS A 60 -23.76 1.79 10.43
CA LYS A 60 -22.42 2.00 9.90
C LYS A 60 -22.28 1.21 8.58
N LEU A 61 -23.09 0.16 8.43
CA LEU A 61 -23.18 -0.59 7.19
C LEU A 61 -23.75 0.26 6.07
N LYS A 62 -24.74 1.08 6.42
CA LYS A 62 -25.36 1.99 5.46
C LYS A 62 -24.35 2.98 4.92
N GLU A 63 -23.55 3.55 5.82
CA GLU A 63 -22.52 4.51 5.47
C GLU A 63 -21.50 3.87 4.52
N TYR A 64 -21.35 2.55 4.64
CA TYR A 64 -20.40 1.83 3.81
C TYR A 64 -20.90 1.54 2.39
N LYS A 65 -22.19 1.27 2.23
CA LYS A 65 -22.74 1.06 0.90
C LYS A 65 -22.67 2.34 0.07
N THR A 66 -22.97 3.48 0.68
CA THR A 66 -22.92 4.75 -0.04
C THR A 66 -21.49 5.07 -0.45
N GLN A 67 -20.57 5.03 0.50
CA GLN A 67 -19.16 5.30 0.23
C GLN A 67 -18.64 4.31 -0.79
N LEU A 68 -19.07 3.06 -0.66
CA LEU A 68 -18.67 1.98 -1.57
C LEU A 68 -19.90 1.42 -2.29
N GLY A 69 -20.35 2.14 -3.31
CA GLY A 69 -21.47 1.73 -4.15
C GLY A 69 -21.10 0.74 -5.24
N ASP A 70 -22.04 -0.13 -5.61
CA ASP A 70 -21.89 -1.06 -6.74
C ASP A 70 -20.83 -2.15 -6.60
N GLN A 71 -19.63 -1.75 -6.17
CA GLN A 71 -18.56 -2.69 -5.86
C GLN A 71 -18.96 -3.51 -4.65
N TYR A 72 -19.94 -2.98 -3.94
CA TYR A 72 -20.46 -3.57 -2.73
C TYR A 72 -21.05 -4.95 -3.03
N THR A 73 -21.82 -5.06 -4.12
CA THR A 73 -22.52 -6.29 -4.44
C THR A 73 -21.56 -7.44 -4.76
N ALA A 74 -20.37 -7.10 -5.24
CA ALA A 74 -19.35 -8.09 -5.53
C ALA A 74 -18.84 -8.69 -4.23
N LEU A 75 -18.56 -7.82 -3.26
CA LEU A 75 -18.13 -8.24 -1.95
C LEU A 75 -19.21 -9.02 -1.21
N GLU A 76 -20.46 -8.63 -1.40
CA GLU A 76 -21.58 -9.28 -0.73
C GLU A 76 -21.80 -10.68 -1.30
N LYS A 77 -21.52 -10.83 -2.59
CA LYS A 77 -21.67 -12.12 -3.24
C LYS A 77 -20.44 -12.98 -2.93
N GLN A 78 -19.27 -12.36 -2.90
CA GLN A 78 -18.02 -13.09 -2.72
C GLN A 78 -17.81 -13.59 -1.28
N TYR A 79 -18.10 -12.74 -0.30
CA TYR A 79 -17.79 -13.05 1.10
C TYR A 79 -19.03 -13.54 1.86
N GLY A 80 -20.15 -12.89 1.60
CA GLY A 80 -21.39 -13.22 2.29
C GLY A 80 -21.86 -12.04 3.11
N LYS A 81 -23.17 -12.00 3.36
CA LYS A 81 -23.79 -10.89 4.07
C LYS A 81 -23.34 -10.87 5.53
N ASP A 82 -23.26 -12.05 6.13
CA ASP A 82 -22.91 -12.17 7.54
C ASP A 82 -21.46 -11.77 7.83
N TYR A 83 -20.54 -12.15 6.95
CA TYR A 83 -19.14 -11.85 7.16
C TYR A 83 -18.89 -10.34 7.15
N LEU A 84 -19.58 -9.62 6.27
CA LEU A 84 -19.46 -8.16 6.23
C LEU A 84 -19.97 -7.54 7.53
N LYS A 85 -21.09 -8.03 8.03
CA LYS A 85 -21.64 -7.55 9.29
C LYS A 85 -20.60 -7.73 10.40
N GLU A 86 -19.93 -8.88 10.38
CA GLU A 86 -18.91 -9.21 11.36
C GLU A 86 -17.77 -8.19 11.35
N GLN A 87 -17.35 -7.79 10.14
CA GLN A 87 -16.26 -6.84 9.98
C GLN A 87 -16.68 -5.47 10.47
N VAL A 88 -17.92 -5.11 10.20
CA VAL A 88 -18.48 -3.85 10.65
C VAL A 88 -18.60 -3.86 12.17
N LYS A 89 -19.04 -4.99 12.73
CA LYS A 89 -19.16 -5.11 14.17
C LYS A 89 -17.80 -4.91 14.82
N TYR A 90 -16.76 -5.48 14.19
CA TYR A 90 -15.41 -5.35 14.70
C TYR A 90 -14.95 -3.90 14.68
N GLU A 91 -15.22 -3.17 13.61
CA GLU A 91 -14.85 -1.75 13.56
C GLU A 91 -15.57 -0.96 14.65
N LEU A 92 -16.87 -1.20 14.81
CA LEU A 92 -17.66 -0.48 15.80
C LEU A 92 -17.14 -0.78 17.20
N LEU A 93 -16.73 -2.03 17.44
CA LEU A 93 -16.14 -2.40 18.73
C LEU A 93 -14.83 -1.68 19.00
N THR A 94 -13.93 -1.68 18.02
CA THR A 94 -12.64 -1.03 18.18
C THR A 94 -12.83 0.48 18.34
N GLN A 95 -13.92 0.98 17.77
CA GLN A 95 -14.27 2.39 17.88
C GLN A 95 -14.71 2.72 19.31
N LYS A 96 -15.53 1.85 19.86
CA LYS A 96 -16.06 2.03 21.21
C LYS A 96 -14.93 1.91 22.21
N ALA A 97 -14.02 0.97 21.96
CA ALA A 97 -12.84 0.78 22.81
C ALA A 97 -11.99 2.04 22.80
N ALA A 98 -11.81 2.62 21.62
CA ALA A 98 -10.99 3.83 21.48
C ALA A 98 -11.60 5.06 22.16
N LYS A 99 -12.92 5.20 22.06
CA LYS A 99 -13.60 6.31 22.70
C LYS A 99 -13.42 6.27 24.22
N ASP A 100 -13.52 5.07 24.81
CA ASP A 100 -13.38 4.95 26.26
C ASP A 100 -11.93 5.13 26.73
N ASN A 101 -10.98 4.82 25.85
CA ASN A 101 -9.57 4.77 26.25
C ASN A 101 -8.73 5.94 25.72
N ILE A 102 -9.18 6.58 24.64
CA ILE A 102 -8.51 7.77 24.14
C ILE A 102 -8.92 9.00 24.95
N LYS A 103 -7.94 9.79 25.35
CA LYS A 103 -8.18 11.06 26.03
C LYS A 103 -7.45 12.19 25.32
N VAL A 104 -8.18 13.24 24.92
CA VAL A 104 -7.55 14.41 24.33
C VAL A 104 -7.32 15.44 25.44
N THR A 105 -6.08 15.89 25.55
CA THR A 105 -5.71 16.92 26.52
C THR A 105 -6.05 18.29 25.97
N ASP A 106 -5.96 19.31 26.81
CA ASP A 106 -6.17 20.68 26.37
C ASP A 106 -5.00 21.15 25.52
N ALA A 107 -3.86 20.51 25.68
CA ALA A 107 -2.71 20.79 24.84
C ALA A 107 -3.07 20.40 23.42
N ASP A 108 -3.74 19.26 23.27
CA ASP A 108 -4.19 18.81 21.95
C ASP A 108 -5.21 19.78 21.35
N ILE A 109 -6.05 20.39 22.20
CA ILE A 109 -7.11 21.27 21.70
C ILE A 109 -6.55 22.63 21.31
N LYS A 110 -5.69 23.18 22.15
CA LYS A 110 -5.09 24.48 21.86
C LYS A 110 -4.16 24.31 20.69
N GLU A 111 -3.56 23.14 20.61
CA GLU A 111 -2.70 22.77 19.48
C GLU A 111 -3.46 22.67 18.19
N TYR A 112 -4.72 22.23 18.26
CA TYR A 112 -5.56 22.16 17.08
C TYR A 112 -6.06 23.56 16.71
N TRP A 113 -6.40 24.35 17.73
CA TRP A 113 -6.86 25.71 17.52
C TRP A 113 -5.80 26.50 16.75
N GLU A 114 -4.57 26.51 17.27
CA GLU A 114 -3.44 27.07 16.56
C GLU A 114 -3.05 26.09 15.45
N GLY A 115 -3.30 26.47 14.21
CA GLY A 115 -3.16 25.56 13.08
C GLY A 115 -4.44 25.69 12.30
N LEU A 116 -5.47 26.19 12.98
CA LEU A 116 -6.70 26.63 12.38
C LEU A 116 -6.60 28.13 11.99
N LYS A 117 -5.45 28.73 12.28
CA LYS A 117 -5.16 30.14 11.97
C LYS A 117 -5.16 30.46 10.48
N GLY A 118 -5.99 31.44 10.13
CA GLY A 118 -6.12 31.89 8.77
C GLY A 118 -6.90 30.90 7.95
N LYS A 119 -7.58 29.97 8.63
CA LYS A 119 -8.38 28.93 7.99
C LYS A 119 -9.89 29.13 8.10
N ILE A 120 -10.62 28.57 7.14
CA ILE A 120 -12.08 28.61 7.12
C ILE A 120 -12.63 27.22 6.80
N ARG A 121 -13.88 27.00 7.16
CA ARG A 121 -14.59 25.77 6.83
C ARG A 121 -15.69 26.06 5.80
N ALA A 122 -15.86 25.16 4.82
CA ALA A 122 -16.84 25.37 3.75
C ALA A 122 -17.36 24.07 3.13
N SER A 123 -18.57 24.14 2.59
CA SER A 123 -19.14 23.06 1.79
C SER A 123 -19.23 23.47 0.33
N HIS A 124 -19.25 22.49 -0.58
CA HIS A 124 -19.46 22.78 -2.00
C HIS A 124 -20.28 21.72 -2.71
N ILE A 125 -20.85 22.13 -3.85
CA ILE A 125 -21.58 21.25 -4.75
C ILE A 125 -20.94 21.30 -6.12
N LEU A 126 -20.41 20.15 -6.55
CA LEU A 126 -19.70 20.07 -7.83
C LEU A 126 -20.58 19.48 -8.94
N VAL A 127 -20.69 20.21 -10.05
CA VAL A 127 -21.49 19.76 -11.19
C VAL A 127 -20.78 20.06 -12.52
N ALA A 128 -21.34 19.54 -13.62
CA ALA A 128 -20.71 19.67 -14.94
C ALA A 128 -21.05 20.98 -15.68
N ASP A 129 -22.32 21.30 -15.80
CA ASP A 129 -22.77 22.44 -16.60
C ASP A 129 -23.14 23.65 -15.76
N LYS A 130 -23.09 24.82 -16.37
CA LYS A 130 -23.39 26.05 -15.64
C LYS A 130 -24.90 26.14 -15.45
N LYS A 131 -25.63 25.44 -16.31
CA LYS A 131 -27.08 25.44 -16.25
C LYS A 131 -27.54 24.46 -15.16
N THR A 132 -26.74 23.40 -14.97
CA THR A 132 -26.97 22.46 -13.87
C THR A 132 -26.78 23.16 -12.55
N ALA A 133 -25.81 24.07 -12.51
CA ALA A 133 -25.52 24.82 -11.30
C ALA A 133 -26.65 25.80 -11.01
N GLU A 134 -27.19 26.42 -12.06
CA GLU A 134 -28.27 27.39 -11.91
C GLU A 134 -29.57 26.69 -11.55
N GLU A 135 -29.68 25.42 -11.94
CA GLU A 135 -30.80 24.59 -11.53
C GLU A 135 -30.76 24.39 -10.02
N VAL A 136 -29.55 24.11 -9.53
CA VAL A 136 -29.32 23.91 -8.11
C VAL A 136 -29.41 25.23 -7.36
N GLU A 137 -28.93 26.30 -7.99
CA GLU A 137 -29.01 27.62 -7.37
C GLU A 137 -30.47 27.98 -7.14
N LYS A 138 -31.34 27.61 -8.08
CA LYS A 138 -32.76 27.90 -7.95
C LYS A 138 -33.45 26.99 -6.92
N LYS A 139 -32.99 25.76 -6.81
CA LYS A 139 -33.56 24.84 -5.83
C LYS A 139 -33.21 25.32 -4.42
N LEU A 140 -32.03 25.92 -4.27
CA LEU A 140 -31.64 26.51 -3.00
C LEU A 140 -32.56 27.66 -2.62
N LYS A 141 -32.75 28.60 -3.54
CA LYS A 141 -33.55 29.78 -3.29
C LYS A 141 -35.01 29.44 -3.00
N LYS A 142 -35.48 28.33 -3.59
CA LYS A 142 -36.84 27.86 -3.33
C LYS A 142 -36.96 27.33 -1.90
N GLY A 143 -35.83 26.96 -1.32
CA GLY A 143 -35.77 26.57 0.09
C GLY A 143 -35.18 25.20 0.37
N GLU A 144 -34.82 24.46 -0.67
CA GLU A 144 -34.19 23.16 -0.49
C GLU A 144 -32.88 23.33 0.27
N LYS A 145 -32.52 22.35 1.10
CA LYS A 145 -31.33 22.45 1.94
C LYS A 145 -30.06 22.08 1.16
N PHE A 146 -28.95 22.74 1.50
CA PHE A 146 -27.67 22.57 0.79
C PHE A 146 -27.16 21.13 0.87
N GLU A 147 -27.25 20.53 2.05
CA GLU A 147 -26.74 19.19 2.28
C GLU A 147 -27.50 18.18 1.43
N ASP A 148 -28.81 18.36 1.35
CA ASP A 148 -29.68 17.48 0.58
C ASP A 148 -29.33 17.56 -0.91
N LEU A 149 -29.12 18.78 -1.39
CA LEU A 149 -28.83 19.00 -2.80
C LEU A 149 -27.45 18.49 -3.20
N ALA A 150 -26.50 18.58 -2.27
CA ALA A 150 -25.16 18.06 -2.51
C ALA A 150 -25.24 16.54 -2.69
N LYS A 151 -26.05 15.88 -1.88
CA LYS A 151 -26.21 14.44 -2.00
C LYS A 151 -26.83 14.10 -3.35
N GLU A 152 -27.72 14.97 -3.84
CA GLU A 152 -28.43 14.69 -5.08
C GLU A 152 -27.59 15.02 -6.32
N TYR A 153 -26.83 16.11 -6.28
CA TYR A 153 -26.17 16.63 -7.48
C TYR A 153 -24.65 16.55 -7.49
N SER A 154 -24.00 16.70 -6.33
CA SER A 154 -22.56 16.88 -6.32
C SER A 154 -21.83 15.65 -6.83
N THR A 155 -20.77 15.89 -7.61
CA THR A 155 -19.96 14.84 -8.19
C THR A 155 -18.84 14.41 -7.26
N ASP A 156 -18.50 15.30 -6.33
CA ASP A 156 -17.39 15.10 -5.41
C ASP A 156 -17.67 14.05 -4.32
N SER A 157 -16.59 13.59 -3.69
CA SER A 157 -16.65 12.60 -2.62
C SER A 157 -17.37 13.12 -1.38
N SER A 158 -17.43 14.45 -1.25
CA SER A 158 -18.04 15.09 -0.09
C SER A 158 -19.57 15.09 -0.22
N ALA A 159 -20.06 14.59 -1.34
CA ALA A 159 -21.48 14.59 -1.64
C ALA A 159 -22.32 13.87 -0.59
N SER A 160 -21.79 12.76 -0.04
CA SER A 160 -22.48 12.02 1.01
C SER A 160 -22.45 12.80 2.32
N LYS A 161 -21.42 13.61 2.47
CA LYS A 161 -21.16 14.37 3.68
C LYS A 161 -21.91 15.70 3.67
N GLY A 162 -22.86 15.81 2.75
CA GLY A 162 -23.61 17.04 2.57
C GLY A 162 -22.78 18.13 1.92
N GLY A 163 -21.64 17.75 1.35
CA GLY A 163 -20.79 18.68 0.64
C GLY A 163 -19.63 19.26 1.45
N ASP A 164 -19.56 18.91 2.73
CA ASP A 164 -18.55 19.46 3.64
C ASP A 164 -17.11 19.15 3.22
N LEU A 165 -16.27 20.19 3.25
CA LEU A 165 -14.86 20.07 2.89
C LEU A 165 -13.93 20.15 4.10
N GLY A 166 -14.49 20.39 5.27
CA GLY A 166 -13.68 20.58 6.46
C GLY A 166 -12.92 21.90 6.37
N TRP A 167 -11.89 22.05 7.19
CA TRP A 167 -11.09 23.28 7.24
C TRP A 167 -10.03 23.30 6.15
N PHE A 168 -9.69 24.51 5.70
CA PHE A 168 -8.63 24.70 4.72
C PHE A 168 -8.21 26.16 4.67
N ALA A 169 -6.95 26.43 4.34
CA ALA A 169 -6.48 27.81 4.25
C ALA A 169 -6.58 28.29 2.81
N LYS A 170 -6.27 29.56 2.59
CA LYS A 170 -6.43 30.19 1.28
C LYS A 170 -5.26 29.91 0.35
N GLU A 171 -4.12 29.69 0.98
CA GLU A 171 -2.86 29.47 0.30
C GLU A 171 -2.79 28.20 -0.52
N GLY A 172 -3.07 27.08 0.12
CA GLY A 172 -2.95 25.78 -0.50
C GLY A 172 -4.12 24.93 -0.05
N GLN A 173 -3.91 23.62 -0.01
CA GLN A 173 -4.94 22.68 0.41
C GLN A 173 -6.17 22.72 -0.50
N MSE A 174 -6.05 23.39 -1.66
CA MSE A 174 -7.14 23.48 -2.63
C MSE A 174 -6.69 24.20 -3.90
O MSE A 174 -5.57 24.71 -3.97
CB MSE A 174 -8.35 24.20 -2.04
CG MSE A 174 -9.69 23.54 -2.37
SE MSE A 174 -9.97 21.88 -1.38
CE MSE A 174 -10.97 20.88 -2.71
H MSE A 174 -5.34 23.81 -1.89
HA MSE A 174 -7.41 22.57 -2.87
HB2 MSE A 174 -8.26 24.22 -1.08
HB3 MSE A 174 -8.38 25.10 -2.40
HG2 MSE A 174 -10.41 24.15 -2.15
HG3 MSE A 174 -9.72 23.33 -3.32
HE1 MSE A 174 -11.78 21.35 -2.92
HE2 MSE A 174 -10.42 20.78 -3.51
HE3 MSE A 174 -11.19 20.00 -2.34
N ASP A 175 -7.58 24.26 -4.89
CA ASP A 175 -7.36 25.03 -6.10
C ASP A 175 -7.45 26.52 -5.80
N GLU A 176 -6.61 27.33 -6.45
CA GLU A 176 -6.59 28.76 -6.18
C GLU A 176 -7.86 29.45 -6.67
N THR A 177 -8.51 28.87 -7.68
CA THR A 177 -9.74 29.45 -8.20
C THR A 177 -10.86 29.27 -7.19
N PHE A 178 -10.89 28.11 -6.55
CA PHE A 178 -11.93 27.79 -5.59
C PHE A 178 -11.75 28.49 -4.24
N SER A 179 -10.54 28.40 -3.69
CA SER A 179 -10.27 28.92 -2.35
C SER A 179 -10.33 30.44 -2.29
N LYS A 180 -9.89 31.10 -3.36
CA LYS A 180 -9.95 32.56 -3.44
C LYS A 180 -11.41 32.98 -3.36
N ALA A 181 -12.25 32.28 -4.13
CA ALA A 181 -13.69 32.52 -4.14
C ALA A 181 -14.33 32.18 -2.80
N ALA A 182 -13.84 31.14 -2.15
CA ALA A 182 -14.43 30.68 -0.90
C ALA A 182 -14.10 31.69 0.19
N PHE A 183 -12.85 32.15 0.18
CA PHE A 183 -12.38 33.09 1.18
C PHE A 183 -12.97 34.48 1.00
N LYS A 184 -13.43 34.77 -0.21
CA LYS A 184 -14.13 36.03 -0.50
C LYS A 184 -15.53 36.07 0.11
N LEU A 185 -16.01 34.92 0.56
CA LEU A 185 -17.38 34.82 1.05
C LEU A 185 -17.51 35.30 2.49
N LYS A 186 -18.75 35.55 2.91
CA LYS A 186 -19.05 35.90 4.29
C LYS A 186 -19.58 34.63 4.94
N THR A 187 -19.57 34.55 6.26
CA THR A 187 -20.01 33.33 6.94
C THR A 187 -21.51 33.10 6.80
N GLY A 188 -21.85 31.92 6.28
CA GLY A 188 -23.24 31.56 6.06
C GLY A 188 -23.62 31.82 4.63
N GLU A 189 -22.84 32.66 3.95
CA GLU A 189 -23.16 33.06 2.58
C GLU A 189 -22.86 31.96 1.57
N VAL A 190 -23.71 31.84 0.56
CA VAL A 190 -23.54 30.88 -0.51
C VAL A 190 -23.21 31.62 -1.80
N SER A 191 -22.28 31.05 -2.57
CA SER A 191 -21.74 31.73 -3.74
C SER A 191 -22.60 31.52 -4.97
N ASP A 192 -22.21 32.18 -6.05
CA ASP A 192 -22.79 31.93 -7.36
C ASP A 192 -21.89 30.90 -8.03
N PRO A 193 -22.34 30.28 -9.13
CA PRO A 193 -21.55 29.22 -9.75
C PRO A 193 -20.09 29.64 -10.01
N VAL A 194 -19.16 28.81 -9.54
CA VAL A 194 -17.73 29.08 -9.67
C VAL A 194 -17.08 28.07 -10.61
N LYS A 195 -16.68 28.53 -11.79
CA LYS A 195 -16.05 27.69 -12.80
C LYS A 195 -14.63 27.31 -12.41
N THR A 196 -14.32 26.02 -12.46
CA THR A 196 -12.96 25.54 -12.22
C THR A 196 -12.63 24.34 -13.12
N GLN A 197 -11.49 23.72 -12.85
CA GLN A 197 -11.05 22.59 -13.65
C GLN A 197 -12.04 21.44 -13.53
N TYR A 198 -12.57 21.24 -12.32
CA TYR A 198 -13.42 20.10 -12.03
C TYR A 198 -14.85 20.34 -12.51
N GLY A 199 -15.21 21.61 -12.66
CA GLY A 199 -16.54 21.96 -13.14
C GLY A 199 -17.03 23.27 -12.52
N TYR A 200 -18.32 23.30 -12.19
CA TYR A 200 -18.92 24.43 -11.49
C TYR A 200 -19.28 24.14 -10.04
N HIS A 201 -18.95 25.11 -9.19
CA HIS A 201 -19.09 24.98 -7.75
C HIS A 201 -20.12 25.94 -7.18
N ILE A 202 -20.90 25.45 -6.24
CA ILE A 202 -21.66 26.31 -5.34
C ILE A 202 -21.04 26.14 -3.97
N ILE A 203 -20.45 27.23 -3.47
CA ILE A 203 -19.72 27.18 -2.20
C ILE A 203 -20.52 27.84 -1.09
N LYS A 204 -20.52 27.21 0.07
CA LYS A 204 -21.12 27.79 1.26
C LYS A 204 -20.07 27.85 2.36
N LYS A 205 -19.67 29.06 2.71
CA LYS A 205 -18.73 29.27 3.79
C LYS A 205 -19.45 29.00 5.11
N THR A 206 -18.97 28.03 5.89
CA THR A 206 -19.74 27.59 7.05
C THR A 206 -19.45 28.40 8.29
N GLU A 207 -18.19 28.71 8.50
CA GLU A 207 -17.81 29.40 9.73
C GLU A 207 -16.45 30.05 9.61
N GLU A 208 -16.30 31.17 10.30
CA GLU A 208 -14.99 31.74 10.55
C GLU A 208 -14.45 31.08 11.78
N ARG A 209 -13.15 31.25 11.93
CA ARG A 209 -12.36 30.61 12.94
C ARG A 209 -12.37 31.10 14.39
N GLY A 210 -12.65 32.37 14.63
CA GLY A 210 -12.11 33.07 15.78
C GLY A 210 -11.61 32.36 17.04
N LYS A 211 -12.35 32.54 18.13
CA LYS A 211 -11.80 32.43 19.49
C LYS A 211 -11.74 31.08 20.21
N TYR A 212 -10.65 30.86 20.96
CA TYR A 212 -10.51 29.68 21.82
C TYR A 212 -11.37 29.96 23.06
N ASP A 213 -11.67 28.92 23.85
CA ASP A 213 -12.52 29.03 25.03
C ASP A 213 -13.99 29.11 24.60
N ASP A 214 -14.28 29.93 23.59
CA ASP A 214 -15.59 29.96 22.96
C ASP A 214 -15.77 28.69 22.14
N MSE A 215 -14.68 28.36 21.46
CA MSE A 215 -14.65 27.32 20.44
C MSE A 215 -14.14 25.99 20.97
O MSE A 215 -14.11 24.99 20.26
CB MSE A 215 -13.76 27.79 19.31
CG MSE A 215 -13.86 27.03 18.04
SE MSE A 215 -12.93 28.17 16.80
CE MSE A 215 -13.04 27.09 15.19
H MSE A 215 -13.91 28.72 21.57
HA MSE A 215 -15.55 27.19 20.09
HB2 MSE A 215 -13.99 28.71 19.11
HB3 MSE A 215 -12.84 27.74 19.60
HG2 MSE A 215 -13.40 26.18 18.11
HG3 MSE A 215 -14.78 26.93 17.76
HE1 MSE A 215 -12.60 27.55 14.47
HE2 MSE A 215 -12.61 26.23 15.35
HE3 MSE A 215 -13.98 26.95 14.97
N LYS A 216 -13.72 26.01 22.22
CA LYS A 216 -13.03 24.89 22.84
C LYS A 216 -13.72 23.54 22.68
N LYS A 217 -15.00 23.48 23.06
CA LYS A 217 -15.69 22.19 23.10
C LYS A 217 -15.90 21.56 21.72
N GLU A 218 -16.16 22.37 20.70
CA GLU A 218 -16.33 21.82 19.35
C GLU A 218 -15.00 21.31 18.82
N LEU A 219 -13.90 21.96 19.17
CA LEU A 219 -12.61 21.53 18.68
C LEU A 219 -12.19 20.23 19.36
N LYS A 220 -12.57 20.07 20.63
CA LYS A 220 -12.28 18.83 21.34
C LYS A 220 -12.95 17.66 20.60
N SER A 221 -14.19 17.89 20.16
CA SER A 221 -14.94 16.87 19.47
C SER A 221 -14.29 16.56 18.14
N GLU A 222 -13.75 17.60 17.49
CA GLU A 222 -13.03 17.42 16.23
C GLU A 222 -11.71 16.67 16.41
N VAL A 223 -10.98 16.99 17.48
CA VAL A 223 -9.70 16.31 17.74
C VAL A 223 -9.95 14.83 17.92
N LEU A 224 -10.98 14.49 18.68
CA LEU A 224 -11.31 13.11 18.95
C LEU A 224 -11.70 12.37 17.68
N GLU A 225 -12.47 13.03 16.82
CA GLU A 225 -12.89 12.39 15.58
C GLU A 225 -11.67 12.15 14.69
N GLN A 226 -10.69 13.02 14.83
CA GLN A 226 -9.46 12.91 14.05
C GLN A 226 -8.60 11.74 14.56
N LYS A 227 -8.56 11.56 15.87
CA LYS A 227 -7.79 10.47 16.45
C LYS A 227 -8.49 9.14 16.21
N LEU A 228 -9.78 9.19 15.93
CA LEU A 228 -10.56 7.99 15.67
C LEU A 228 -10.39 7.46 14.25
N ASN A 229 -9.88 8.30 13.35
CA ASN A 229 -9.63 7.88 11.97
C ASN A 229 -8.15 7.58 11.72
N ASP A 230 -7.37 7.57 12.79
CA ASP A 230 -5.98 7.11 12.73
C ASP A 230 -5.96 5.73 13.37
N ASN A 231 -5.76 4.70 12.56
CA ASN A 231 -5.88 3.32 13.02
C ASN A 231 -4.81 2.95 14.04
N ALA A 232 -3.67 3.63 13.99
CA ALA A 232 -2.61 3.41 14.97
C ALA A 232 -3.11 3.84 16.35
N ALA A 233 -3.84 4.94 16.37
CA ALA A 233 -4.35 5.50 17.62
C ALA A 233 -5.44 4.59 18.21
N VAL A 234 -6.24 3.99 17.32
CA VAL A 234 -7.27 3.06 17.73
C VAL A 234 -6.65 1.80 18.35
N GLN A 235 -5.71 1.19 17.63
CA GLN A 235 -5.06 -0.04 18.11
C GLN A 235 -4.25 0.20 19.37
N GLU A 236 -3.69 1.40 19.48
CA GLU A 236 -3.00 1.80 20.69
C GLU A 236 -4.00 1.75 21.85
N ALA A 237 -5.22 2.22 21.59
CA ALA A 237 -6.26 2.17 22.61
C ALA A 237 -6.75 0.76 22.90
N VAL A 238 -6.98 -0.01 21.83
CA VAL A 238 -7.50 -1.37 21.97
C VAL A 238 -6.51 -2.25 22.73
N GLN A 239 -5.22 -2.03 22.50
CA GLN A 239 -4.18 -2.84 23.12
C GLN A 239 -4.14 -2.67 24.63
N LYS A 240 -4.56 -1.51 25.11
CA LYS A 240 -4.68 -1.29 26.56
C LYS A 240 -5.72 -2.21 27.15
N VAL A 241 -6.80 -2.42 26.40
CA VAL A 241 -7.89 -3.26 26.87
C VAL A 241 -7.40 -4.71 26.87
N MSE A 242 -6.61 -5.06 25.87
CA MSE A 242 -6.14 -6.42 25.69
C MSE A 242 -5.16 -6.85 26.79
O MSE A 242 -5.16 -8.01 27.19
CB MSE A 242 -5.50 -6.59 24.32
CG MSE A 242 -6.47 -6.43 23.13
SE MSE A 242 -8.06 -7.57 23.27
CE MSE A 242 -7.16 -9.20 23.82
H MSE A 242 -6.32 -4.51 25.27
HA MSE A 242 -6.91 -7.01 25.73
HB2 MSE A 242 -4.81 -5.92 24.21
HB3 MSE A 242 -5.10 -7.47 24.26
HG2 MSE A 242 -6.76 -5.52 23.09
HG3 MSE A 242 -6.00 -6.67 22.32
HE1 MSE A 242 -7.83 -9.89 23.94
HE2 MSE A 242 -6.52 -9.46 23.14
HE3 MSE A 242 -6.69 -9.04 24.66
N LYS A 243 -4.32 -5.92 27.26
CA LYS A 243 -3.43 -6.25 28.37
C LYS A 243 -4.20 -6.51 29.66
N LYS A 244 -5.25 -5.73 29.91
CA LYS A 244 -6.03 -5.87 31.13
C LYS A 244 -6.80 -7.19 31.13
N ALA A 245 -6.83 -7.84 29.97
CA ALA A 245 -7.47 -9.15 29.83
C ALA A 245 -6.38 -10.18 29.92
N ASP A 246 -6.70 -11.40 30.33
CA ASP A 246 -5.67 -12.43 30.43
C ASP A 246 -5.70 -13.28 29.17
N ILE A 247 -4.88 -12.88 28.21
CA ILE A 247 -4.70 -13.61 26.97
C ILE A 247 -3.50 -14.52 27.10
N GLU A 248 -3.72 -15.79 26.78
CA GLU A 248 -2.67 -16.79 26.82
C GLU A 248 -2.65 -17.56 25.50
N VAL A 249 -1.63 -17.31 24.68
CA VAL A 249 -1.50 -18.00 23.41
C VAL A 249 -0.83 -19.35 23.64
N LYS A 250 -1.52 -20.43 23.27
CA LYS A 250 -1.01 -21.76 23.55
C LYS A 250 -0.17 -22.28 22.38
N ASP A 251 -0.33 -21.66 21.22
CA ASP A 251 0.42 -22.05 20.03
C ASP A 251 1.77 -21.36 20.05
N LYS A 252 2.85 -22.14 20.05
CA LYS A 252 4.19 -21.56 20.16
C LYS A 252 4.54 -20.66 18.98
N ASP A 253 4.10 -21.03 17.78
CA ASP A 253 4.48 -20.29 16.58
C ASP A 253 3.95 -18.87 16.62
N LEU A 254 2.81 -18.68 17.28
CA LEU A 254 2.16 -17.38 17.31
C LEU A 254 2.26 -16.71 18.66
N LYS A 255 3.04 -17.27 19.58
CA LYS A 255 3.19 -16.63 20.88
C LYS A 255 3.77 -15.25 20.62
N ASP A 256 3.68 -14.41 21.63
CA ASP A 256 4.17 -13.04 21.55
C ASP A 256 3.37 -12.20 20.55
N THR A 257 2.22 -12.73 20.12
CA THR A 257 1.37 -11.99 19.20
C THR A 257 0.79 -10.80 19.97
N PHE A 258 0.40 -11.06 21.22
CA PHE A 258 -0.13 -10.04 22.13
C PHE A 258 0.80 -9.66 23.26
N ASN A 259 1.96 -10.29 23.32
CA ASN A 259 2.78 -10.18 24.53
C ASN A 259 3.28 -8.77 24.70
N THR A 260 3.76 -8.20 23.61
CA THR A 260 4.32 -6.87 23.61
C THR A 260 3.67 -6.03 22.53
N SER A 261 3.45 -4.74 22.81
CA SER A 261 2.89 -3.83 21.81
C SER A 261 2.97 -2.38 22.25
N GLY B 6 -8.49 -32.24 17.00
CA GLY B 6 -7.94 -31.68 15.78
C GLY B 6 -8.18 -30.18 15.68
N ASP B 7 -9.25 -29.81 14.99
CA ASP B 7 -9.65 -28.42 14.84
C ASP B 7 -10.17 -27.79 16.15
N LYS B 8 -10.49 -28.61 17.13
CA LYS B 8 -10.90 -28.11 18.45
C LYS B 8 -9.71 -27.74 19.33
N GLU B 9 -8.49 -27.97 18.83
CA GLU B 9 -7.26 -27.55 19.50
C GLU B 9 -7.29 -26.04 19.82
N VAL B 10 -6.97 -25.71 21.07
CA VAL B 10 -6.97 -24.32 21.53
C VAL B 10 -5.71 -23.56 21.12
N ILE B 11 -5.88 -22.52 20.30
CA ILE B 11 -4.76 -21.66 19.90
C ILE B 11 -4.48 -20.61 20.96
N ALA B 12 -5.54 -19.99 21.45
CA ALA B 12 -5.45 -18.92 22.43
C ALA B 12 -6.56 -19.03 23.46
N LYS B 13 -6.19 -18.82 24.72
CA LYS B 13 -7.14 -18.88 25.83
C LYS B 13 -7.48 -17.45 26.23
N THR B 14 -8.77 -17.17 26.45
CA THR B 14 -9.20 -15.81 26.83
C THR B 14 -10.28 -15.91 27.89
N ASP B 15 -10.44 -14.85 28.67
CA ASP B 15 -11.49 -14.80 29.67
C ASP B 15 -12.87 -14.78 28.98
N ALA B 16 -12.88 -14.35 27.72
CA ALA B 16 -14.09 -14.32 26.90
C ALA B 16 -14.26 -15.54 26.00
N GLY B 17 -13.47 -16.58 26.21
CA GLY B 17 -13.60 -17.81 25.43
C GLY B 17 -12.34 -18.05 24.61
N ASP B 18 -12.14 -19.30 24.19
CA ASP B 18 -10.92 -19.68 23.49
C ASP B 18 -11.04 -19.49 21.98
N VAL B 19 -9.89 -19.37 21.32
CA VAL B 19 -9.81 -19.43 19.87
C VAL B 19 -9.29 -20.81 19.47
N THR B 20 -10.07 -21.53 18.69
CA THR B 20 -9.70 -22.87 18.24
C THR B 20 -8.96 -22.83 16.92
N LYS B 21 -8.29 -23.94 16.62
CA LYS B 21 -7.62 -24.13 15.35
C LYS B 21 -8.59 -24.02 14.19
N GLY B 22 -9.75 -24.65 14.33
CA GLY B 22 -10.77 -24.64 13.30
C GLY B 22 -11.27 -23.23 13.05
N GLU B 23 -11.50 -22.49 14.13
CA GLU B 23 -11.95 -21.09 14.01
C GLU B 23 -10.90 -20.29 13.27
N LEU B 24 -9.65 -20.46 13.67
CA LEU B 24 -8.54 -19.76 13.05
C LEU B 24 -8.38 -20.14 11.59
N TYR B 25 -8.46 -21.44 11.31
CA TYR B 25 -8.40 -21.90 9.93
C TYR B 25 -9.47 -21.24 9.08
N THR B 26 -10.68 -21.21 9.62
CA THR B 26 -11.80 -20.63 8.91
C THR B 26 -11.60 -19.14 8.59
N ASN B 27 -11.19 -18.36 9.57
CA ASN B 27 -11.06 -16.92 9.37
C ASN B 27 -9.83 -16.49 8.57
N MSE B 28 -8.78 -17.30 8.59
CA MSE B 28 -7.68 -17.05 7.68
C MSE B 28 -8.19 -17.27 6.24
O MSE B 28 -7.92 -16.46 5.36
CB MSE B 28 -6.47 -17.95 7.99
CG MSE B 28 -5.74 -17.55 9.27
SE MSE B 28 -4.08 -18.49 9.67
CE MSE B 28 -4.71 -20.31 9.82
H MSE B 28 -8.68 -17.98 9.10
HA MSE B 28 -7.40 -16.12 7.77
HB2 MSE B 28 -6.78 -18.85 8.10
HB3 MSE B 28 -5.83 -17.90 7.26
HG2 MSE B 28 -5.53 -16.60 9.22
HG3 MSE B 28 -6.33 -17.69 10.02
HE1 MSE B 28 -5.36 -20.36 10.54
HE2 MSE B 28 -5.11 -20.58 8.98
HE3 MSE B 28 -3.95 -20.89 10.02
N LYS B 29 -8.97 -18.35 6.05
CA LYS B 29 -9.40 -18.78 4.71
C LYS B 29 -10.15 -17.68 4.00
N LYS B 30 -10.93 -16.92 4.77
CA LYS B 30 -11.73 -15.84 4.21
C LYS B 30 -10.86 -14.66 3.78
N THR B 31 -9.75 -14.43 4.47
CA THR B 31 -8.92 -13.25 4.21
C THR B 31 -7.82 -13.59 3.21
N ALA B 32 -7.13 -14.70 3.47
CA ALA B 32 -5.86 -15.02 2.81
C ALA B 32 -5.89 -16.34 2.03
N GLY B 33 -7.04 -17.04 2.06
CA GLY B 33 -7.13 -18.35 1.45
C GLY B 33 -6.80 -18.38 -0.03
N ALA B 34 -7.38 -17.44 -0.78
CA ALA B 34 -7.19 -17.39 -2.21
C ALA B 34 -5.72 -17.10 -2.56
N SER B 35 -5.14 -16.14 -1.87
CA SER B 35 -3.77 -15.71 -2.18
C SER B 35 -2.74 -16.79 -1.82
N VAL B 36 -2.92 -17.45 -0.69
CA VAL B 36 -1.98 -18.50 -0.27
C VAL B 36 -2.16 -19.78 -1.07
N LEU B 37 -3.41 -20.13 -1.39
CA LEU B 37 -3.67 -21.26 -2.28
C LEU B 37 -3.04 -21.01 -3.65
N THR B 38 -3.07 -19.76 -4.11
CA THR B 38 -2.52 -19.43 -5.41
C THR B 38 -1.02 -19.71 -5.43
N GLN B 39 -0.32 -19.32 -4.38
CA GLN B 39 1.13 -19.55 -4.31
C GLN B 39 1.46 -21.03 -4.22
N LEU B 40 0.72 -21.75 -3.37
CA LEU B 40 0.93 -23.19 -3.17
C LEU B 40 0.78 -23.94 -4.49
N VAL B 41 -0.25 -23.61 -5.26
CA VAL B 41 -0.47 -24.27 -6.54
C VAL B 41 0.63 -23.90 -7.52
N GLN B 42 0.96 -22.61 -7.59
CA GLN B 42 2.00 -22.17 -8.51
C GLN B 42 3.37 -22.76 -8.17
N GLU B 43 3.71 -22.89 -6.89
CA GLU B 43 5.03 -23.42 -6.55
C GLU B 43 5.09 -24.91 -6.85
N LYS B 44 3.94 -25.60 -6.88
CA LYS B 44 3.92 -27.01 -7.26
C LYS B 44 4.08 -27.17 -8.77
N VAL B 45 3.29 -26.41 -9.52
CA VAL B 45 3.28 -26.49 -10.97
C VAL B 45 4.62 -26.04 -11.56
N LEU B 46 5.11 -24.88 -11.13
CA LEU B 46 6.36 -24.35 -11.67
C LEU B 46 7.55 -25.23 -11.29
N ASP B 47 7.55 -25.79 -10.09
CA ASP B 47 8.67 -26.63 -9.65
C ASP B 47 8.68 -27.92 -10.46
N LYS B 48 7.53 -28.27 -11.05
CA LYS B 48 7.44 -29.46 -11.89
C LYS B 48 8.08 -29.18 -13.24
N LYS B 49 7.88 -27.96 -13.73
CA LYS B 49 8.45 -27.53 -15.00
C LYS B 49 9.89 -27.09 -14.86
N TYR B 50 10.09 -26.02 -14.09
CA TYR B 50 11.42 -25.44 -13.90
C TYR B 50 12.14 -26.04 -12.70
N LYS B 51 13.47 -26.00 -12.77
CA LYS B 51 14.32 -26.55 -11.73
C LYS B 51 15.29 -25.45 -11.28
N VAL B 52 15.42 -25.28 -9.97
CA VAL B 52 16.24 -24.21 -9.40
C VAL B 52 17.34 -24.85 -8.58
N SER B 53 18.58 -24.39 -8.82
CA SER B 53 19.74 -24.95 -8.16
C SER B 53 19.96 -24.23 -6.84
N ASP B 54 20.63 -24.92 -5.93
CA ASP B 54 20.91 -24.37 -4.61
C ASP B 54 21.78 -23.13 -4.71
N LYS B 55 22.61 -23.09 -5.75
CA LYS B 55 23.47 -21.95 -6.01
C LYS B 55 22.63 -20.72 -6.37
N GLU B 56 21.63 -20.93 -7.21
CA GLU B 56 20.74 -19.82 -7.60
C GLU B 56 20.01 -19.31 -6.36
N ILE B 57 19.56 -20.23 -5.50
CA ILE B 57 18.86 -19.84 -4.28
C ILE B 57 19.80 -19.06 -3.35
N ASP B 58 21.01 -19.60 -3.11
CA ASP B 58 21.98 -18.92 -2.25
C ASP B 58 22.35 -17.54 -2.77
N ASN B 59 22.55 -17.42 -4.07
CA ASN B 59 22.87 -16.14 -4.69
C ASN B 59 21.83 -15.07 -4.41
N LYS B 60 20.55 -15.43 -4.53
CA LYS B 60 19.47 -14.51 -4.24
C LYS B 60 19.29 -14.34 -2.75
N LEU B 61 19.69 -15.35 -1.99
CA LEU B 61 19.61 -15.29 -0.54
C LEU B 61 20.63 -14.29 -0.01
N LYS B 62 21.83 -14.33 -0.61
CA LYS B 62 22.90 -13.42 -0.24
C LYS B 62 22.53 -11.96 -0.57
N GLU B 63 21.95 -11.74 -1.74
CA GLU B 63 21.54 -10.40 -2.15
C GLU B 63 20.53 -9.79 -1.20
N TYR B 64 19.70 -10.64 -0.58
CA TYR B 64 18.66 -10.18 0.33
C TYR B 64 19.27 -9.82 1.68
N LYS B 65 20.32 -10.55 2.08
CA LYS B 65 21.03 -10.24 3.33
C LYS B 65 21.63 -8.85 3.26
N THR B 66 22.26 -8.56 2.12
CA THR B 66 22.92 -7.30 1.86
C THR B 66 21.91 -6.15 1.76
N GLN B 67 20.89 -6.34 0.94
CA GLN B 67 19.86 -5.31 0.74
C GLN B 67 19.16 -4.97 2.05
N LEU B 68 18.96 -5.99 2.88
CA LEU B 68 18.32 -5.82 4.18
C LEU B 68 19.34 -6.17 5.24
N GLY B 69 20.28 -5.27 5.52
CA GLY B 69 21.28 -5.60 6.50
C GLY B 69 20.61 -5.54 7.84
N ASP B 70 20.96 -6.47 8.71
CA ASP B 70 20.46 -6.50 10.07
C ASP B 70 18.95 -6.81 10.11
N GLN B 71 18.16 -6.24 9.20
CA GLN B 71 16.75 -6.58 9.11
C GLN B 71 16.54 -8.04 8.67
N TYR B 72 17.54 -8.62 8.02
CA TYR B 72 17.48 -10.01 7.58
C TYR B 72 17.42 -11.01 8.73
N THR B 73 18.36 -10.85 9.66
CA THR B 73 18.48 -11.78 10.78
C THR B 73 17.22 -11.75 11.65
N ALA B 74 16.48 -10.64 11.60
CA ALA B 74 15.20 -10.55 12.29
C ALA B 74 14.16 -11.43 11.61
N LEU B 75 14.08 -11.33 10.28
CA LEU B 75 13.18 -12.17 9.50
C LEU B 75 13.62 -13.64 9.58
N GLU B 76 14.93 -13.85 9.71
CA GLU B 76 15.48 -15.19 9.85
C GLU B 76 15.05 -15.83 11.17
N LYS B 77 14.86 -14.98 12.18
CA LYS B 77 14.43 -15.43 13.49
C LYS B 77 12.93 -15.70 13.52
N GLN B 78 12.17 -14.83 12.86
CA GLN B 78 10.72 -14.92 12.89
C GLN B 78 10.22 -16.11 12.07
N TYR B 79 10.81 -16.32 10.91
CA TYR B 79 10.33 -17.32 9.96
C TYR B 79 11.17 -18.59 9.95
N GLY B 80 12.50 -18.45 9.94
CA GLY B 80 13.40 -19.59 9.90
C GLY B 80 14.13 -19.60 8.56
N LYS B 81 15.32 -20.20 8.50
CA LYS B 81 16.09 -20.20 7.25
C LYS B 81 15.40 -21.00 6.15
N ASP B 82 14.78 -22.11 6.53
CA ASP B 82 14.17 -23.01 5.55
C ASP B 82 13.00 -22.33 4.86
N TYR B 83 12.20 -21.60 5.62
CA TYR B 83 11.06 -20.90 5.06
C TYR B 83 11.53 -19.78 4.13
N LEU B 84 12.62 -19.11 4.53
CA LEU B 84 13.18 -18.03 3.71
C LEU B 84 13.68 -18.55 2.36
N LYS B 85 14.44 -19.64 2.40
CA LYS B 85 14.93 -20.26 1.17
C LYS B 85 13.76 -20.68 0.30
N GLU B 86 12.72 -21.20 0.94
CA GLU B 86 11.51 -21.63 0.26
C GLU B 86 10.87 -20.48 -0.50
N GLN B 87 10.78 -19.32 0.13
CA GLN B 87 10.19 -18.15 -0.52
C GLN B 87 11.08 -17.65 -1.64
N VAL B 88 12.39 -17.78 -1.44
CA VAL B 88 13.34 -17.40 -2.47
C VAL B 88 13.22 -18.35 -3.66
N LYS B 89 13.05 -19.65 -3.39
CA LYS B 89 12.85 -20.61 -4.46
C LYS B 89 11.59 -20.28 -5.26
N TYR B 90 10.54 -19.87 -4.56
CA TYR B 90 9.28 -19.51 -5.21
C TYR B 90 9.47 -18.33 -6.15
N GLU B 91 10.21 -17.33 -5.69
CA GLU B 91 10.50 -16.15 -6.49
C GLU B 91 11.27 -16.52 -7.76
N LEU B 92 12.29 -17.33 -7.60
CA LEU B 92 13.13 -17.73 -8.72
C LEU B 92 12.30 -18.52 -9.74
N LEU B 93 11.40 -19.35 -9.26
CA LEU B 93 10.52 -20.09 -10.15
C LEU B 93 9.62 -19.14 -10.96
N THR B 94 8.99 -18.18 -10.29
CA THR B 94 8.11 -17.23 -10.98
C THR B 94 8.86 -16.37 -11.98
N GLN B 95 10.14 -16.17 -11.70
CA GLN B 95 11.00 -15.39 -12.58
C GLN B 95 11.32 -16.14 -13.87
N LYS B 96 11.61 -17.42 -13.73
CA LYS B 96 12.00 -18.26 -14.85
C LYS B 96 10.82 -18.42 -15.82
N ALA B 97 9.64 -18.64 -15.24
CA ALA B 97 8.41 -18.77 -16.03
C ALA B 97 8.07 -17.47 -16.75
N ALA B 98 8.18 -16.36 -16.02
CA ALA B 98 7.88 -15.06 -16.58
C ALA B 98 8.87 -14.70 -17.69
N LYS B 99 10.14 -15.08 -17.54
CA LYS B 99 11.13 -14.83 -18.59
C LYS B 99 10.72 -15.51 -19.90
N ASP B 100 10.24 -16.73 -19.78
CA ASP B 100 9.87 -17.53 -20.94
C ASP B 100 8.58 -17.07 -21.59
N ASN B 101 7.68 -16.51 -20.78
CA ASN B 101 6.31 -16.26 -21.22
C ASN B 101 5.95 -14.79 -21.44
N ILE B 102 6.70 -13.86 -20.87
CA ILE B 102 6.39 -12.46 -21.13
C ILE B 102 6.78 -12.18 -22.57
N LYS B 103 5.88 -11.53 -23.28
CA LYS B 103 6.11 -11.14 -24.66
C LYS B 103 6.13 -9.64 -24.70
N VAL B 104 7.26 -9.11 -25.16
CA VAL B 104 7.40 -7.68 -25.35
C VAL B 104 7.10 -7.31 -26.80
N THR B 105 6.07 -6.48 -26.95
CA THR B 105 5.63 -6.02 -28.25
C THR B 105 6.45 -4.81 -28.69
N ASP B 106 6.29 -4.42 -29.95
CA ASP B 106 6.95 -3.23 -30.47
C ASP B 106 6.34 -1.96 -29.90
N ALA B 107 5.07 -2.04 -29.51
CA ALA B 107 4.42 -0.94 -28.81
C ALA B 107 5.04 -0.78 -27.42
N ASP B 108 5.36 -1.90 -26.77
CA ASP B 108 6.01 -1.85 -25.47
C ASP B 108 7.36 -1.17 -25.56
N ILE B 109 8.07 -1.38 -26.66
CA ILE B 109 9.40 -0.84 -26.81
C ILE B 109 9.38 0.63 -27.24
N LYS B 110 8.49 1.00 -28.14
CA LYS B 110 8.43 2.39 -28.59
C LYS B 110 7.93 3.29 -27.47
N GLU B 111 7.02 2.77 -26.65
CA GLU B 111 6.57 3.51 -25.48
C GLU B 111 7.71 3.63 -24.49
N TYR B 112 8.60 2.63 -24.47
CA TYR B 112 9.73 2.68 -23.55
C TYR B 112 10.73 3.73 -24.03
N TRP B 113 10.95 3.75 -25.34
CA TRP B 113 11.82 4.72 -25.99
C TRP B 113 11.31 6.15 -25.81
N GLU B 114 10.00 6.34 -25.96
CA GLU B 114 9.39 7.65 -25.78
C GLU B 114 9.54 8.12 -24.33
N GLY B 115 9.80 7.17 -23.43
CA GLY B 115 9.94 7.47 -22.02
C GLY B 115 11.36 7.83 -21.65
N LEU B 116 12.31 7.52 -22.54
CA LEU B 116 13.69 7.96 -22.38
C LEU B 116 13.93 9.35 -22.96
N LYS B 117 12.89 9.95 -23.53
CA LYS B 117 13.03 11.28 -24.10
C LYS B 117 13.50 12.23 -23.01
N GLY B 118 14.67 12.85 -23.25
CA GLY B 118 15.26 13.77 -22.29
C GLY B 118 15.87 13.12 -21.08
N LYS B 119 16.09 11.81 -21.12
CA LYS B 119 16.69 11.10 -19.99
C LYS B 119 18.13 10.74 -20.37
N ILE B 120 18.94 10.45 -19.37
CA ILE B 120 20.31 10.01 -19.58
C ILE B 120 20.61 8.76 -18.78
N ARG B 121 21.62 8.02 -19.22
CA ARG B 121 22.04 6.83 -18.52
C ARG B 121 23.38 7.17 -17.87
N ALA B 122 23.59 6.68 -16.65
CA ALA B 122 24.83 6.99 -15.95
C ALA B 122 25.22 5.91 -14.97
N SER B 123 26.54 5.79 -14.75
CA SER B 123 27.09 4.96 -13.70
C SER B 123 27.67 5.89 -12.66
N HIS B 124 27.76 5.42 -11.42
CA HIS B 124 28.42 6.19 -10.37
C HIS B 124 29.21 5.32 -9.40
N ILE B 125 30.21 5.93 -8.78
CA ILE B 125 30.98 5.27 -7.73
C ILE B 125 30.80 6.14 -6.50
N LEU B 126 30.13 5.57 -5.50
CA LEU B 126 29.84 6.26 -4.26
C LEU B 126 30.79 5.83 -3.16
N VAL B 127 31.41 6.80 -2.51
CA VAL B 127 32.30 6.52 -1.40
C VAL B 127 31.97 7.48 -0.27
N ALA B 128 32.50 7.19 0.91
CA ALA B 128 32.15 7.94 2.10
C ALA B 128 32.96 9.23 2.18
N ASP B 129 34.27 9.12 1.99
CA ASP B 129 35.18 10.25 2.18
C ASP B 129 35.68 10.75 0.81
N LYS B 130 36.08 12.01 0.74
CA LYS B 130 36.62 12.58 -0.50
C LYS B 130 38.06 12.15 -0.78
N LYS B 131 38.75 11.63 0.22
CA LYS B 131 40.10 11.11 0.01
C LYS B 131 40.02 9.84 -0.80
N THR B 132 38.96 9.08 -0.57
CA THR B 132 38.72 7.86 -1.33
C THR B 132 38.34 8.19 -2.77
N ALA B 133 37.61 9.29 -2.95
CA ALA B 133 37.16 9.70 -4.28
C ALA B 133 38.30 10.16 -5.15
N GLU B 134 39.25 10.85 -4.53
CA GLU B 134 40.40 11.38 -5.24
C GLU B 134 41.37 10.25 -5.60
N GLU B 135 41.35 9.17 -4.83
CA GLU B 135 42.15 8.00 -5.17
C GLU B 135 41.61 7.34 -6.45
N VAL B 136 40.29 7.26 -6.58
CA VAL B 136 39.66 6.63 -7.73
C VAL B 136 39.82 7.48 -9.00
N GLU B 137 39.75 8.80 -8.84
CA GLU B 137 39.90 9.71 -9.98
C GLU B 137 41.26 9.56 -10.63
N LYS B 138 42.26 9.37 -9.79
CA LYS B 138 43.65 9.30 -10.21
C LYS B 138 43.96 7.95 -10.87
N LYS B 139 43.29 6.90 -10.40
CA LYS B 139 43.44 5.57 -11.01
C LYS B 139 42.76 5.49 -12.37
N LEU B 140 41.67 6.24 -12.53
CA LEU B 140 40.93 6.27 -13.79
C LEU B 140 41.82 6.79 -14.92
N LYS B 141 42.50 7.91 -14.67
CA LYS B 141 43.36 8.53 -15.65
C LYS B 141 44.49 7.60 -16.09
N LYS B 142 44.87 6.65 -15.24
CA LYS B 142 45.86 5.66 -15.64
C LYS B 142 45.29 4.70 -16.69
N GLY B 143 43.96 4.56 -16.73
CA GLY B 143 43.30 3.78 -17.76
C GLY B 143 42.39 2.69 -17.23
N GLU B 144 42.31 2.57 -15.90
CA GLU B 144 41.45 1.58 -15.26
C GLU B 144 39.99 1.76 -15.66
N LYS B 145 39.25 0.65 -15.66
CA LYS B 145 37.86 0.64 -16.06
C LYS B 145 36.95 1.16 -14.96
N PHE B 146 35.94 1.93 -15.37
CA PHE B 146 35.00 2.53 -14.43
C PHE B 146 34.23 1.46 -13.69
N GLU B 147 33.76 0.47 -14.44
CA GLU B 147 32.98 -0.62 -13.89
C GLU B 147 33.81 -1.40 -12.88
N ASP B 148 35.09 -1.60 -13.19
CA ASP B 148 35.98 -2.31 -12.27
C ASP B 148 36.15 -1.55 -10.97
N LEU B 149 36.35 -0.23 -11.09
CA LEU B 149 36.60 0.61 -9.93
C LEU B 149 35.33 0.75 -9.09
N ALA B 150 34.18 0.66 -9.75
CA ALA B 150 32.90 0.68 -9.04
C ALA B 150 32.80 -0.54 -8.13
N LYS B 151 33.19 -1.69 -8.67
CA LYS B 151 33.13 -2.95 -7.93
C LYS B 151 34.07 -2.93 -6.73
N GLU B 152 35.19 -2.22 -6.88
CA GLU B 152 36.22 -2.19 -5.85
C GLU B 152 35.94 -1.17 -4.74
N TYR B 153 35.42 0.00 -5.11
CA TYR B 153 35.30 1.11 -4.16
C TYR B 153 33.87 1.43 -3.78
N SER B 154 32.92 1.22 -4.70
CA SER B 154 31.57 1.74 -4.49
C SER B 154 30.86 1.07 -3.32
N THR B 155 30.18 1.92 -2.55
CA THR B 155 29.42 1.47 -1.40
C THR B 155 27.96 1.19 -1.77
N ASP B 156 27.51 1.79 -2.86
CA ASP B 156 26.12 1.68 -3.28
C ASP B 156 25.83 0.28 -3.79
N SER B 157 24.55 -0.07 -3.87
CA SER B 157 24.13 -1.38 -4.34
C SER B 157 24.50 -1.61 -5.81
N SER B 158 24.75 -0.50 -6.51
CA SER B 158 25.04 -0.53 -7.93
C SER B 158 26.47 -0.99 -8.25
N ALA B 159 27.25 -1.25 -7.21
CA ALA B 159 28.64 -1.67 -7.39
C ALA B 159 28.74 -2.92 -8.26
N SER B 160 27.76 -3.80 -8.12
CA SER B 160 27.72 -5.03 -8.90
C SER B 160 27.42 -4.79 -10.38
N LYS B 161 26.63 -3.76 -10.69
CA LYS B 161 26.30 -3.49 -12.09
C LYS B 161 27.37 -2.59 -12.74
N GLY B 162 28.53 -2.48 -12.10
CA GLY B 162 29.57 -1.60 -12.60
C GLY B 162 29.26 -0.14 -12.34
N GLY B 163 28.30 0.11 -11.45
CA GLY B 163 27.92 1.46 -11.06
C GLY B 163 26.69 1.98 -11.78
N ASP B 164 26.18 1.22 -12.73
CA ASP B 164 25.06 1.66 -13.56
C ASP B 164 23.80 2.00 -12.75
N LEU B 165 23.23 3.17 -13.04
CA LEU B 165 22.03 3.63 -12.36
C LEU B 165 20.82 3.57 -13.28
N GLY B 166 21.04 3.15 -14.52
CA GLY B 166 19.98 3.14 -15.50
C GLY B 166 19.62 4.55 -15.90
N TRP B 167 18.46 4.70 -16.54
CA TRP B 167 18.01 5.98 -17.04
C TRP B 167 17.33 6.79 -15.94
N PHE B 168 17.39 8.11 -16.05
CA PHE B 168 16.68 8.95 -15.10
C PHE B 168 16.47 10.36 -15.64
N ALA B 169 15.40 10.99 -15.15
CA ALA B 169 15.01 12.32 -15.56
C ALA B 169 15.66 13.36 -14.67
N LYS B 170 15.36 14.62 -14.94
CA LYS B 170 16.00 15.73 -14.24
C LYS B 170 15.38 15.87 -12.86
N GLU B 171 14.15 15.39 -12.71
CA GLU B 171 13.48 15.40 -11.42
C GLU B 171 14.31 14.48 -10.52
N GLY B 172 15.18 15.10 -9.72
CA GLY B 172 16.13 14.41 -8.88
C GLY B 172 15.66 13.09 -8.29
N GLN B 173 15.94 12.00 -9.00
CA GLN B 173 15.51 10.68 -8.57
C GLN B 173 16.35 10.13 -7.40
N MSE B 174 17.65 10.39 -7.38
CA MSE B 174 18.47 10.06 -6.22
C MSE B 174 18.65 11.29 -5.34
O MSE B 174 18.51 11.23 -4.13
CB MSE B 174 19.85 9.51 -6.64
CG MSE B 174 19.82 8.09 -7.20
SE MSE B 174 19.16 6.73 -5.94
CE MSE B 174 20.56 6.79 -4.58
H MSE B 174 18.08 10.75 -8.03
HA MSE B 174 18.02 9.37 -5.70
HB2 MSE B 174 20.21 10.09 -7.32
HB3 MSE B 174 20.43 9.51 -5.86
HG2 MSE B 174 19.26 8.08 -7.98
HG3 MSE B 174 20.73 7.84 -7.44
HE1 MSE B 174 20.35 6.15 -3.89
HE2 MSE B 174 21.41 6.58 -4.99
HE3 MSE B 174 20.58 7.69 -4.21
N ASP B 175 18.96 12.42 -5.99
CA ASP B 175 19.17 13.67 -5.28
C ASP B 175 19.30 14.80 -6.30
N GLU B 176 18.76 15.96 -5.95
CA GLU B 176 18.74 17.10 -6.86
C GLU B 176 20.16 17.66 -7.07
N THR B 177 21.03 17.42 -6.09
CA THR B 177 22.44 17.81 -6.21
C THR B 177 23.12 16.84 -7.17
N PHE B 178 22.71 15.58 -7.12
CA PHE B 178 23.28 14.54 -7.96
C PHE B 178 22.84 14.70 -9.41
N SER B 179 21.54 14.87 -9.64
CA SER B 179 21.04 14.95 -10.99
C SER B 179 21.50 16.26 -11.65
N LYS B 180 21.61 17.34 -10.89
CA LYS B 180 22.14 18.58 -11.45
C LYS B 180 23.58 18.40 -11.88
N ALA B 181 24.40 17.82 -11.02
CA ALA B 181 25.79 17.58 -11.36
C ALA B 181 25.87 16.61 -12.53
N ALA B 182 24.91 15.69 -12.59
CA ALA B 182 24.92 14.63 -13.60
C ALA B 182 24.57 15.07 -15.02
N PHE B 183 23.54 15.89 -15.16
CA PHE B 183 23.07 16.31 -16.48
C PHE B 183 24.08 17.27 -17.13
N LYS B 184 25.00 17.80 -16.32
CA LYS B 184 26.02 18.73 -16.81
C LYS B 184 27.05 18.05 -17.72
N LEU B 185 27.08 16.72 -17.69
CA LEU B 185 28.08 15.92 -18.42
C LEU B 185 27.70 15.58 -19.86
N LYS B 186 28.69 15.19 -20.64
CA LYS B 186 28.51 14.62 -21.98
C LYS B 186 28.80 13.12 -21.96
N THR B 187 28.47 12.42 -23.04
CA THR B 187 28.70 10.98 -23.10
C THR B 187 30.20 10.69 -23.08
N GLY B 188 30.63 9.90 -22.10
CA GLY B 188 32.02 9.53 -21.92
C GLY B 188 32.71 10.39 -20.85
N GLU B 189 32.10 11.53 -20.54
CA GLU B 189 32.67 12.46 -19.57
C GLU B 189 32.45 11.93 -18.15
N VAL B 190 33.49 11.98 -17.32
CA VAL B 190 33.37 11.54 -15.92
C VAL B 190 33.65 12.74 -15.01
N SER B 191 32.82 12.89 -13.97
CA SER B 191 32.87 14.07 -13.11
C SER B 191 33.80 13.94 -11.90
N ASP B 192 33.96 15.04 -11.16
CA ASP B 192 34.69 15.06 -9.89
C ASP B 192 33.72 14.88 -8.72
N PRO B 193 34.25 14.58 -7.51
CA PRO B 193 33.41 14.27 -6.33
C PRO B 193 32.28 15.27 -6.01
N VAL B 194 31.09 14.71 -5.81
CA VAL B 194 29.89 15.46 -5.52
C VAL B 194 29.40 15.12 -4.10
N LYS B 195 29.51 16.08 -3.18
CA LYS B 195 29.10 15.88 -1.80
C LYS B 195 27.58 15.79 -1.73
N THR B 196 27.09 14.72 -1.12
CA THR B 196 25.67 14.56 -0.87
C THR B 196 25.45 13.86 0.46
N GLN B 197 24.20 13.53 0.74
CA GLN B 197 23.84 12.82 1.97
C GLN B 197 24.48 11.43 2.01
N TYR B 198 24.58 10.77 0.86
CA TYR B 198 25.10 9.39 0.79
C TYR B 198 26.62 9.30 0.82
N GLY B 199 27.29 10.38 0.42
CA GLY B 199 28.75 10.41 0.42
C GLY B 199 29.27 11.27 -0.70
N TYR B 200 30.36 10.85 -1.32
CA TYR B 200 30.92 11.55 -2.46
C TYR B 200 30.72 10.67 -3.70
N HIS B 201 30.26 11.27 -4.80
CA HIS B 201 29.90 10.52 -6.00
C HIS B 201 30.84 10.86 -7.14
N ILE B 202 31.25 9.85 -7.90
CA ILE B 202 31.90 10.08 -9.19
C ILE B 202 30.95 9.56 -10.27
N ILE B 203 30.42 10.46 -11.09
CA ILE B 203 29.37 10.10 -12.05
C ILE B 203 29.93 10.06 -13.48
N LYS B 204 29.60 9.00 -14.21
CA LYS B 204 29.96 8.87 -15.63
C LYS B 204 28.74 8.59 -16.50
N LYS B 205 28.40 9.55 -17.35
CA LYS B 205 27.27 9.43 -18.26
C LYS B 205 27.56 8.48 -19.43
N THR B 206 26.78 7.41 -19.51
CA THR B 206 27.00 6.30 -20.43
C THR B 206 26.21 6.47 -21.75
N GLU B 207 25.08 7.18 -21.72
CA GLU B 207 24.21 7.26 -22.89
C GLU B 207 23.28 8.47 -23.00
N GLU B 208 23.06 8.88 -24.25
CA GLU B 208 21.97 9.77 -24.63
C GLU B 208 20.92 8.98 -25.42
N ARG B 209 19.67 9.47 -25.49
CA ARG B 209 18.66 8.78 -26.28
C ARG B 209 18.84 9.09 -27.77
N GLY B 210 19.22 8.07 -28.52
CA GLY B 210 19.36 8.17 -29.97
C GLY B 210 18.14 7.73 -30.73
N LYS B 211 18.37 7.25 -31.96
CA LYS B 211 17.30 6.82 -32.86
C LYS B 211 16.62 5.59 -32.32
N TYR B 212 15.36 5.42 -32.69
CA TYR B 212 14.59 4.24 -32.28
C TYR B 212 15.10 2.97 -32.95
N ASP B 213 15.50 3.07 -34.22
CA ASP B 213 15.95 1.90 -34.96
C ASP B 213 17.29 1.34 -34.46
N ASP B 214 18.22 2.22 -34.12
CA ASP B 214 19.51 1.78 -33.59
C ASP B 214 19.36 1.16 -32.20
N MSE B 215 18.42 1.68 -31.43
CA MSE B 215 18.23 1.25 -30.04
C MSE B 215 17.24 0.09 -29.90
O MSE B 215 17.19 -0.54 -28.85
CB MSE B 215 17.75 2.42 -29.18
CG MSE B 215 18.76 3.55 -29.02
SE MSE B 215 18.11 4.97 -27.88
CE MSE B 215 18.37 4.14 -26.15
H MSE B 215 17.87 2.29 -31.67
HA MSE B 215 19.09 0.97 -29.69
HB2 MSE B 215 16.96 2.80 -29.59
HB3 MSE B 215 17.53 2.09 -28.29
HG2 MSE B 215 19.57 3.18 -28.61
HG3 MSE B 215 18.96 3.92 -29.89
HE1 MSE B 215 18.08 4.76 -25.45
HE2 MSE B 215 17.85 3.33 -26.11
HE3 MSE B 215 19.31 3.95 -26.04
N LYS B 216 16.47 -0.18 -30.94
CA LYS B 216 15.31 -1.08 -30.85
C LYS B 216 15.66 -2.42 -30.18
N LYS B 217 16.66 -3.13 -30.70
CA LYS B 217 16.96 -4.47 -30.20
C LYS B 217 17.51 -4.45 -28.77
N GLU B 218 18.26 -3.40 -28.43
CA GLU B 218 18.84 -3.25 -27.10
C GLU B 218 17.79 -2.96 -26.03
N LEU B 219 16.79 -2.17 -26.42
CA LEU B 219 15.70 -1.75 -25.55
C LEU B 219 14.74 -2.88 -25.18
N LYS B 220 14.61 -3.85 -26.08
CA LYS B 220 13.74 -5.00 -25.85
C LYS B 220 14.08 -5.70 -24.54
N SER B 221 15.38 -5.90 -24.29
CA SER B 221 15.83 -6.55 -23.08
C SER B 221 15.56 -5.66 -21.87
N GLU B 222 15.70 -4.36 -22.04
CA GLU B 222 15.43 -3.42 -20.95
C GLU B 222 13.97 -3.43 -20.56
N VAL B 223 13.09 -3.46 -21.57
CA VAL B 223 11.65 -3.49 -21.32
C VAL B 223 11.31 -4.76 -20.56
N LEU B 224 11.89 -5.88 -20.97
CA LEU B 224 11.62 -7.16 -20.34
C LEU B 224 12.02 -7.15 -18.86
N GLU B 225 13.16 -6.54 -18.60
CA GLU B 225 13.69 -6.43 -17.25
C GLU B 225 12.79 -5.55 -16.39
N GLN B 226 12.10 -4.61 -17.04
CA GLN B 226 11.18 -3.71 -16.36
C GLN B 226 9.91 -4.45 -15.96
N LYS B 227 9.44 -5.30 -16.86
CA LYS B 227 8.22 -6.07 -16.64
C LYS B 227 8.47 -7.21 -15.65
N LEU B 228 9.73 -7.58 -15.46
CA LEU B 228 10.08 -8.63 -14.50
C LEU B 228 10.04 -8.10 -13.07
N ASN B 229 10.11 -6.78 -12.93
CA ASN B 229 10.02 -6.11 -11.63
C ASN B 229 8.62 -5.58 -11.40
N ASP B 230 7.71 -5.94 -12.32
CA ASP B 230 6.28 -5.67 -12.17
C ASP B 230 5.57 -6.97 -11.87
N ASN B 231 5.05 -7.12 -10.65
CA ASN B 231 4.43 -8.37 -10.23
C ASN B 231 3.18 -8.71 -11.03
N ALA B 232 2.49 -7.70 -11.55
CA ALA B 232 1.31 -7.91 -12.37
C ALA B 232 1.70 -8.62 -13.67
N ALA B 233 2.83 -8.21 -14.22
CA ALA B 233 3.33 -8.76 -15.48
C ALA B 233 3.85 -10.17 -15.27
N VAL B 234 4.49 -10.39 -14.13
CA VAL B 234 4.99 -11.71 -13.77
C VAL B 234 3.84 -12.69 -13.57
N GLN B 235 2.87 -12.33 -12.73
CA GLN B 235 1.77 -13.25 -12.44
C GLN B 235 0.91 -13.52 -13.67
N GLU B 236 0.77 -12.53 -14.54
CA GLU B 236 0.10 -12.73 -15.81
C GLU B 236 0.81 -13.77 -16.67
N ALA B 237 2.14 -13.68 -16.73
CA ALA B 237 2.95 -14.63 -17.49
C ALA B 237 2.91 -16.00 -16.84
N VAL B 238 3.00 -16.02 -15.52
CA VAL B 238 2.94 -17.27 -14.77
C VAL B 238 1.64 -17.97 -15.05
N GLN B 239 0.57 -17.20 -15.18
CA GLN B 239 -0.75 -17.77 -15.41
C GLN B 239 -0.83 -18.43 -16.79
N LYS B 240 -0.02 -17.97 -17.75
CA LYS B 240 0.03 -18.63 -19.06
C LYS B 240 0.54 -20.06 -18.89
N VAL B 241 1.48 -20.24 -17.96
CA VAL B 241 2.02 -21.58 -17.69
C VAL B 241 0.94 -22.40 -16.99
N MSE B 242 0.18 -21.74 -16.13
CA MSE B 242 -0.90 -22.38 -15.39
C MSE B 242 -2.00 -22.87 -16.32
O MSE B 242 -2.67 -23.85 -16.03
CB MSE B 242 -1.47 -21.43 -14.35
CG MSE B 242 -0.44 -20.97 -13.34
SE MSE B 242 0.06 -22.35 -12.07
CE MSE B 242 2.00 -22.20 -12.25
H MSE B 242 0.25 -20.90 -15.96
HA MSE B 242 -0.53 -23.14 -14.92
HB2 MSE B 242 -1.83 -20.65 -14.80
HB3 MSE B 242 -2.18 -21.88 -13.87
HG2 MSE B 242 0.36 -20.68 -13.81
HG3 MSE B 242 -0.81 -20.22 -12.83
HE1 MSE B 242 2.42 -22.84 -11.67
HE2 MSE B 242 2.25 -22.37 -13.17
HE3 MSE B 242 2.27 -21.29 -12.01
N LYS B 243 -2.16 -22.19 -17.45
CA LYS B 243 -3.17 -22.56 -18.44
C LYS B 243 -2.99 -24.02 -18.87
N LYS B 244 -1.73 -24.40 -19.09
CA LYS B 244 -1.40 -25.74 -19.57
C LYS B 244 -1.57 -26.84 -18.51
N ALA B 245 -1.76 -26.45 -17.25
CA ALA B 245 -2.01 -27.40 -16.15
C ALA B 245 -3.48 -27.48 -15.79
N ASP B 246 -3.88 -28.58 -15.17
CA ASP B 246 -5.27 -28.79 -14.76
C ASP B 246 -5.48 -28.51 -13.27
N ILE B 247 -5.91 -27.29 -12.95
CA ILE B 247 -6.21 -26.94 -11.56
C ILE B 247 -7.70 -27.14 -11.31
N GLU B 248 -8.04 -27.92 -10.29
CA GLU B 248 -9.43 -28.14 -9.90
C GLU B 248 -9.57 -27.92 -8.40
N VAL B 249 -10.12 -26.77 -8.04
CA VAL B 249 -10.35 -26.45 -6.64
C VAL B 249 -11.66 -27.06 -6.16
N LYS B 250 -11.51 -27.96 -5.19
CA LYS B 250 -12.58 -28.77 -4.63
C LYS B 250 -13.27 -28.09 -3.44
N ASP B 251 -12.66 -27.03 -2.91
CA ASP B 251 -13.21 -26.30 -1.78
C ASP B 251 -14.26 -25.27 -2.21
N LYS B 252 -15.43 -25.34 -1.57
CA LYS B 252 -16.59 -24.53 -1.91
C LYS B 252 -16.36 -23.02 -1.82
N ASP B 253 -15.72 -22.58 -0.74
CA ASP B 253 -15.48 -21.16 -0.50
C ASP B 253 -14.49 -20.55 -1.49
N LEU B 254 -13.58 -21.38 -1.99
CA LEU B 254 -12.46 -20.94 -2.82
C LEU B 254 -12.59 -21.34 -4.28
N LYS B 255 -13.80 -21.73 -4.69
CA LYS B 255 -14.08 -22.21 -6.03
C LYS B 255 -13.60 -21.30 -7.17
N ASP B 256 -13.81 -19.99 -7.03
CA ASP B 256 -13.49 -19.01 -8.06
C ASP B 256 -12.10 -18.40 -7.94
N THR B 257 -11.20 -19.08 -7.24
CA THR B 257 -9.87 -18.54 -7.00
C THR B 257 -9.08 -18.31 -8.29
N PHE B 258 -9.20 -19.24 -9.25
CA PHE B 258 -8.46 -19.13 -10.51
C PHE B 258 -9.32 -18.65 -11.68
N ASN B 259 -10.61 -18.46 -11.42
CA ASN B 259 -11.56 -18.02 -12.44
C ASN B 259 -11.50 -16.49 -12.64
N THR B 260 -10.35 -15.97 -13.06
CA THR B 260 -10.15 -14.53 -13.19
C THR B 260 -11.07 -13.88 -14.22
N SER B 261 -11.53 -12.66 -13.94
CA SER B 261 -12.39 -11.94 -14.89
C SER B 261 -11.79 -11.76 -16.26
#